data_4J14
#
_entry.id   4J14
#
_cell.length_a   121.640
_cell.length_b   121.640
_cell.length_c   143.390
_cell.angle_alpha   90.00
_cell.angle_beta   90.00
_cell.angle_gamma   90.00
#
_symmetry.space_group_name_H-M   'I 41 2 2'
#
loop_
_entity.id
_entity.type
_entity.pdbx_description
1 polymer 'Cholesterol 24-hydroxylase'
2 non-polymer 'PROTOPORPHYRIN IX CONTAINING FE'
3 non-polymer POSACONAZOLE
4 non-polymer GLYCEROL
5 water water
#
_entity_poly.entity_id   1
_entity_poly.type   'polypeptide(L)'
_entity_poly.pdbx_seq_one_letter_code
;MAKKDEVGGRVLQDVFLDWAKKYGPVVRVNVFHKTSVIVTSPESVKKFLMSTKYNKDSKMYRALQTVFGERLFGQGLVSE
CNYERWHKQRRVIDLAFSRSSLVSLMETFNEKAEQLVEILEAKADGQTPVSMQDMLTYTAMDILAKAAFGMETSMLLGAQ
KPLSQAVKLMLEGITASRNTLAKFLPGKRKQLREVRESIRFLRQVGRDWVQRRREALKRGEEVPADILTQILKAEEGAQD
DEGLLDNFVTFFIAGHETSANHLAFTVMELSRQPEIVARLQAEVDEVIGSKRYLDFEDLGRLQYLSQVLKESLRLYPPAW
GTFRLLEEETLIDGVRVPGNTPLLFSTYVMGRMDTYFEDPLTFNPDRFGPGAPKPRFTYFPFSLGHRSCIGQQFAQMEVK
VVMAKLLQRLEFRLVPGQRFGLQEQATLKPLDPVLCTLRPRGWQPAPPPPPCHHHH
;
_entity_poly.pdbx_strand_id   A
#
loop_
_chem_comp.id
_chem_comp.type
_chem_comp.name
_chem_comp.formula
GOL non-polymer GLYCEROL 'C3 H8 O3'
HEM non-polymer 'PROTOPORPHYRIN IX CONTAINING FE' 'C34 H32 Fe N4 O4'
X2N non-polymer POSACONAZOLE 'C37 H42 F2 N8 O4'
#
# COMPACT_ATOMS: atom_id res chain seq x y z
N GLY A 8 7.50 -20.75 -8.08
CA GLY A 8 6.82 -20.74 -6.75
C GLY A 8 6.89 -19.35 -6.13
N GLY A 9 5.76 -18.89 -5.58
CA GLY A 9 5.64 -17.53 -5.08
C GLY A 9 5.62 -17.49 -3.56
N ARG A 10 6.67 -18.02 -2.96
CA ARG A 10 6.91 -17.82 -1.53
C ARG A 10 7.79 -16.61 -1.37
N VAL A 11 7.52 -15.82 -0.35
CA VAL A 11 8.34 -14.69 -0.07
C VAL A 11 9.11 -14.92 1.24
N LEU A 12 10.03 -14.01 1.55
CA LEU A 12 10.75 -14.07 2.81
C LEU A 12 9.79 -14.12 4.00
N GLN A 13 8.68 -13.37 3.93
CA GLN A 13 7.66 -13.41 4.96
C GLN A 13 7.19 -14.83 5.33
N ASP A 14 7.15 -15.71 4.32
CA ASP A 14 6.72 -17.10 4.54
C ASP A 14 7.72 -17.89 5.34
N VAL A 15 9.00 -17.54 5.23
CA VAL A 15 10.03 -18.19 6.03
C VAL A 15 9.85 -17.69 7.46
N PHE A 16 9.65 -16.40 7.62
CA PHE A 16 9.44 -15.83 8.97
C PHE A 16 8.27 -16.52 9.63
N LEU A 17 7.24 -16.82 8.85
CA LEU A 17 6.06 -17.47 9.38
C LEU A 17 6.45 -18.81 9.91
N ASP A 18 7.10 -19.62 9.08
CA ASP A 18 7.59 -20.93 9.47
C ASP A 18 8.38 -20.88 10.76
N TRP A 19 9.28 -19.90 10.88
CA TRP A 19 10.13 -19.80 12.06
C TRP A 19 9.37 -19.38 13.30
N ALA A 20 8.43 -18.45 13.14
CA ALA A 20 7.54 -18.02 14.24
C ALA A 20 6.69 -19.14 14.82
N LYS A 21 6.20 -20.03 13.96
CA LYS A 21 5.34 -21.13 14.41
C LYS A 21 6.16 -22.16 15.17
N LYS A 22 7.39 -22.36 14.69
CA LYS A 22 8.27 -23.37 15.22
C LYS A 22 9.07 -22.92 16.45
N TYR A 23 9.53 -21.66 16.45
CA TYR A 23 10.51 -21.17 17.42
C TYR A 23 9.98 -20.15 18.43
N GLY A 24 8.66 -20.01 18.50
CA GLY A 24 8.06 -19.22 19.56
C GLY A 24 7.96 -17.79 19.10
N PRO A 25 7.61 -16.90 20.03
CA PRO A 25 7.24 -15.52 19.69
C PRO A 25 8.35 -14.50 19.64
N VAL A 26 9.58 -14.92 19.90
CA VAL A 26 10.76 -14.05 19.75
C VAL A 26 11.83 -14.86 19.01
N VAL A 27 12.14 -14.44 17.78
CA VAL A 27 13.05 -15.18 16.93
C VAL A 27 14.12 -14.29 16.33
N ARG A 28 15.38 -14.64 16.57
CA ARG A 28 16.51 -13.94 15.99
C ARG A 28 16.59 -14.29 14.54
N VAL A 29 16.83 -13.28 13.71
CA VAL A 29 17.12 -13.51 12.30
C VAL A 29 18.41 -12.83 11.95
N ASN A 30 19.00 -13.20 10.81
CA ASN A 30 20.31 -12.67 10.40
C ASN A 30 20.29 -12.37 8.94
N VAL A 31 19.14 -11.95 8.44
CA VAL A 31 19.01 -11.54 7.04
C VAL A 31 19.25 -10.00 6.80
N PHE A 32 19.48 -9.27 7.88
CA PHE A 32 19.59 -7.82 7.79
C PHE A 32 20.99 -7.21 8.01
N HIS A 33 20.98 -5.97 8.51
CA HIS A 33 22.20 -5.25 8.87
C HIS A 33 22.78 -5.94 10.09
N LYS A 34 21.89 -6.54 10.87
CA LYS A 34 22.20 -7.00 12.22
C LYS A 34 21.38 -8.23 12.58
N THR A 35 21.76 -8.84 13.68
CA THR A 35 20.87 -9.69 14.42
C THR A 35 19.67 -8.79 14.75
N SER A 36 18.56 -9.02 14.06
CA SER A 36 17.33 -8.40 14.48
C SER A 36 16.41 -9.50 15.05
N VAL A 37 15.34 -9.07 15.71
CA VAL A 37 14.42 -10.03 16.31
C VAL A 37 12.99 -9.83 15.87
N ILE A 38 12.42 -10.84 15.22
CA ILE A 38 11.00 -10.80 14.86
C ILE A 38 10.08 -11.14 16.04
N VAL A 39 9.17 -10.23 16.32
CA VAL A 39 8.39 -10.26 17.53
C VAL A 39 6.96 -10.51 17.14
N THR A 40 6.40 -11.63 17.59
CA THR A 40 5.05 -12.03 17.16
C THR A 40 4.00 -12.34 18.23
N SER A 41 4.19 -11.83 19.45
CA SER A 41 3.11 -11.95 20.43
C SER A 41 2.30 -10.67 20.38
N PRO A 42 0.97 -10.77 20.50
CA PRO A 42 0.08 -9.59 20.52
C PRO A 42 0.48 -8.58 21.57
N GLU A 43 0.82 -9.07 22.77
CA GLU A 43 1.26 -8.20 23.89
C GLU A 43 2.47 -7.37 23.57
N SER A 44 3.40 -7.98 22.86
CA SER A 44 4.57 -7.25 22.41
C SER A 44 4.21 -6.22 21.34
N VAL A 45 3.41 -6.61 20.36
CA VAL A 45 2.89 -5.68 19.37
C VAL A 45 2.28 -4.47 20.05
N LYS A 46 1.40 -4.72 21.01
CA LYS A 46 0.84 -3.67 21.83
C LYS A 46 1.92 -2.81 22.52
N LYS A 47 2.82 -3.46 23.23
CA LYS A 47 3.88 -2.73 23.94
C LYS A 47 4.67 -1.77 23.07
N PHE A 48 5.15 -2.24 21.93
CA PHE A 48 6.12 -1.47 21.16
C PHE A 48 5.51 -0.50 20.16
N LEU A 49 4.41 -0.91 19.55
CA LEU A 49 3.77 -0.09 18.57
C LEU A 49 2.93 1.00 19.19
N MET A 50 2.27 0.68 20.31
CA MET A 50 1.34 1.64 20.94
C MET A 50 2.03 2.69 21.85
N SER A 51 3.33 2.89 21.66
CA SER A 51 4.08 3.82 22.51
C SER A 51 5.09 4.66 21.73
N THR A 52 4.98 5.98 21.90
CA THR A 52 5.94 6.93 21.30
C THR A 52 7.38 6.69 21.75
N LYS A 53 7.55 5.93 22.84
CA LYS A 53 8.86 5.60 23.37
C LYS A 53 9.74 4.79 22.38
N TYR A 54 9.10 4.02 21.51
CA TYR A 54 9.82 3.24 20.51
C TYR A 54 9.65 3.82 19.13
N ASN A 55 10.74 3.90 18.39
CA ASN A 55 10.76 4.56 17.12
C ASN A 55 11.38 3.72 16.02
N LYS A 56 11.22 4.14 14.77
CA LYS A 56 11.64 3.36 13.64
C LYS A 56 13.16 3.26 13.65
N ASP A 57 13.68 2.19 13.08
CA ASP A 57 15.11 1.99 13.02
C ASP A 57 15.66 2.66 11.80
N SER A 58 16.41 3.75 12.02
CA SER A 58 17.03 4.47 10.91
C SER A 58 17.88 3.57 10.03
N LYS A 59 18.53 2.57 10.61
CA LYS A 59 19.28 1.60 9.81
C LYS A 59 18.42 0.81 8.82
N MET A 60 17.19 0.47 9.22
CA MET A 60 16.30 -0.30 8.34
C MET A 60 15.76 0.59 7.23
N TYR A 61 15.38 1.82 7.58
CA TYR A 61 14.70 2.68 6.64
C TYR A 61 15.63 3.40 5.66
N ARG A 62 16.93 3.18 5.83
CA ARG A 62 17.94 3.69 4.90
C ARG A 62 17.77 3.07 3.53
N ALA A 63 17.22 1.86 3.49
CA ALA A 63 16.93 1.19 2.23
C ALA A 63 15.80 1.95 1.48
N LEU A 64 15.09 2.80 2.19
CA LEU A 64 14.11 3.64 1.55
C LEU A 64 14.69 5.01 1.26
N GLN A 65 15.58 5.49 2.13
CA GLN A 65 16.15 6.82 2.02
C GLN A 65 16.80 7.06 0.65
N THR A 66 17.74 6.21 0.30
CA THR A 66 18.42 6.27 -1.00
C THR A 66 18.50 4.86 -1.53
N VAL A 67 18.55 4.72 -2.85
CA VAL A 67 18.57 3.40 -3.51
C VAL A 67 19.62 3.44 -4.59
N PHE A 68 20.57 2.51 -4.52
CA PHE A 68 21.69 2.47 -5.45
C PHE A 68 22.37 3.82 -5.58
N GLY A 69 22.54 4.49 -4.44
CA GLY A 69 23.23 5.77 -4.38
C GLY A 69 22.39 6.96 -4.77
N GLU A 70 21.13 6.71 -5.15
CA GLU A 70 20.20 7.77 -5.60
C GLU A 70 19.08 8.06 -4.59
N ARG A 71 18.88 9.34 -4.28
CA ARG A 71 17.88 9.73 -3.31
C ARG A 71 16.42 9.41 -3.74
N LEU A 72 15.78 8.48 -3.02
CA LEU A 72 14.43 8.03 -3.36
C LEU A 72 13.41 8.64 -2.40
N PHE A 73 13.26 8.09 -1.20
CA PHE A 73 12.28 8.64 -0.27
C PHE A 73 12.86 9.60 0.79
N GLY A 74 14.18 9.70 0.84
CA GLY A 74 14.85 10.70 1.69
C GLY A 74 14.41 10.69 3.14
N GLN A 75 14.12 11.86 3.68
CA GLN A 75 13.58 11.97 5.01
C GLN A 75 12.09 12.32 4.96
N GLY A 76 11.39 11.78 3.98
CA GLY A 76 9.94 11.88 3.92
C GLY A 76 9.17 11.22 5.07
N LEU A 77 7.85 11.32 5.01
CA LEU A 77 7.02 10.97 6.15
C LEU A 77 7.17 9.52 6.60
N VAL A 78 7.42 8.61 5.67
CA VAL A 78 7.61 7.20 6.00
C VAL A 78 8.99 6.86 6.59
N SER A 79 10.04 7.45 6.00
CA SER A 79 11.41 7.04 6.27
C SER A 79 12.16 7.95 7.27
N GLU A 80 11.46 8.94 7.79
CA GLU A 80 12.01 9.77 8.84
C GLU A 80 11.83 9.01 10.16
N CYS A 81 12.94 8.60 10.76
CA CYS A 81 12.86 7.81 12.00
C CYS A 81 12.91 8.64 13.28
N ASN A 82 13.48 9.84 13.20
CA ASN A 82 13.60 10.70 14.38
C ASN A 82 12.26 11.30 14.76
N TYR A 83 11.84 11.07 16.00
CA TYR A 83 10.49 11.45 16.43
C TYR A 83 10.13 12.92 16.25
N GLU A 84 10.96 13.81 16.78
CA GLU A 84 10.68 15.26 16.69
C GLU A 84 10.48 15.69 15.22
N ARG A 85 11.48 15.43 14.37
CA ARG A 85 11.43 15.78 12.97
C ARG A 85 10.21 15.18 12.28
N TRP A 86 9.85 13.97 12.72
CA TRP A 86 8.69 13.31 12.18
C TRP A 86 7.37 13.95 12.65
N HIS A 87 7.27 14.34 13.92
CA HIS A 87 6.06 14.99 14.44
C HIS A 87 5.80 16.34 13.76
N LYS A 88 6.85 17.10 13.51
CA LYS A 88 6.71 18.37 12.81
C LYS A 88 6.02 18.17 11.45
N GLN A 89 6.53 17.22 10.66
CA GLN A 89 5.97 16.88 9.34
C GLN A 89 4.52 16.42 9.48
N ARG A 90 4.30 15.44 10.36
CA ARG A 90 3.01 14.81 10.53
C ARG A 90 1.88 15.76 10.97
N ARG A 91 2.18 16.70 11.87
CA ARG A 91 1.19 17.71 12.30
C ARG A 91 0.62 18.46 11.10
N VAL A 92 1.51 18.93 10.24
CA VAL A 92 1.14 19.69 9.08
C VAL A 92 0.43 18.84 8.02
N ILE A 93 1.04 17.71 7.67
CA ILE A 93 0.48 16.88 6.62
C ILE A 93 -0.90 16.28 7.01
N ASP A 94 -1.10 16.06 8.31
CA ASP A 94 -2.40 15.61 8.85
C ASP A 94 -3.64 16.41 8.41
N LEU A 95 -3.45 17.72 8.20
CA LEU A 95 -4.54 18.59 7.77
C LEU A 95 -5.13 18.15 6.45
N ALA A 96 -4.30 17.52 5.61
CA ALA A 96 -4.73 17.07 4.27
C ALA A 96 -5.58 15.81 4.34
N PHE A 97 -5.61 15.17 5.51
CA PHE A 97 -6.40 13.96 5.70
C PHE A 97 -7.56 14.09 6.69
N SER A 98 -8.05 15.31 6.86
CA SER A 98 -9.25 15.57 7.67
C SER A 98 -10.43 14.92 6.97
N ARG A 99 -11.54 14.79 7.70
CA ARG A 99 -12.76 14.22 7.14
C ARG A 99 -13.31 15.06 5.95
N SER A 100 -13.29 16.39 6.07
CA SER A 100 -13.76 17.23 4.97
C SER A 100 -12.80 17.13 3.81
N SER A 101 -11.52 16.99 4.12
CA SER A 101 -10.50 16.86 3.09
C SER A 101 -10.78 15.62 2.26
N LEU A 102 -11.18 14.52 2.93
CA LEU A 102 -11.39 13.21 2.26
C LEU A 102 -12.73 13.10 1.52
N VAL A 103 -13.79 13.62 2.13
CA VAL A 103 -15.11 13.73 1.50
C VAL A 103 -15.03 14.43 0.15
N SER A 104 -14.17 15.44 0.06
CA SER A 104 -14.06 16.17 -1.19
C SER A 104 -13.20 15.48 -2.26
N LEU A 105 -12.69 14.28 -1.97
CA LEU A 105 -11.96 13.47 -2.97
C LEU A 105 -12.89 12.46 -3.64
N MET A 106 -14.10 12.36 -3.10
CA MET A 106 -15.08 11.40 -3.57
C MET A 106 -15.34 11.51 -5.04
N GLU A 107 -15.27 12.75 -5.55
CA GLU A 107 -15.53 13.01 -6.98
C GLU A 107 -14.38 12.48 -7.88
N THR A 108 -13.15 12.71 -7.45
CA THR A 108 -12.01 12.07 -8.06
C THR A 108 -12.12 10.53 -7.98
N PHE A 109 -12.35 9.99 -6.79
CA PHE A 109 -12.51 8.54 -6.64
C PHE A 109 -13.59 7.98 -7.61
N ASN A 110 -14.76 8.62 -7.65
CA ASN A 110 -15.83 8.25 -8.59
C ASN A 110 -15.46 8.37 -10.10
N GLU A 111 -14.82 9.47 -10.47
CA GLU A 111 -14.46 9.74 -11.87
C GLU A 111 -13.54 8.65 -12.39
N LYS A 112 -12.49 8.37 -11.61
CA LYS A 112 -11.49 7.38 -12.00
C LYS A 112 -12.06 5.97 -11.95
N ALA A 113 -12.83 5.66 -10.92
CA ALA A 113 -13.47 4.33 -10.83
C ALA A 113 -14.34 4.12 -12.05
N GLU A 114 -15.15 5.13 -12.41
CA GLU A 114 -16.12 5.01 -13.53
C GLU A 114 -15.38 4.79 -14.83
N GLN A 115 -14.26 5.48 -14.96
CA GLN A 115 -13.50 5.43 -16.16
C GLN A 115 -12.84 4.07 -16.29
N LEU A 116 -12.44 3.50 -15.16
CA LEU A 116 -11.85 2.17 -15.16
C LEU A 116 -12.85 1.16 -15.71
N VAL A 117 -14.06 1.18 -15.16
CA VAL A 117 -15.09 0.22 -15.50
C VAL A 117 -15.52 0.26 -16.96
N GLU A 118 -15.62 1.46 -17.52
CA GLU A 118 -15.96 1.63 -18.92
C GLU A 118 -14.91 1.00 -19.81
N ILE A 119 -13.63 1.33 -19.58
CA ILE A 119 -12.54 0.69 -20.29
C ILE A 119 -12.71 -0.83 -20.26
N LEU A 120 -13.07 -1.37 -19.09
CA LEU A 120 -13.21 -2.82 -18.96
C LEU A 120 -14.46 -3.37 -19.62
N GLU A 121 -15.57 -2.65 -19.52
CA GLU A 121 -16.81 -3.10 -20.19
C GLU A 121 -16.57 -3.14 -21.70
N ALA A 122 -15.66 -2.29 -22.17
CA ALA A 122 -15.34 -2.21 -23.59
C ALA A 122 -14.62 -3.47 -24.02
N LYS A 123 -14.04 -4.17 -23.05
CA LYS A 123 -13.24 -5.39 -23.27
C LYS A 123 -13.96 -6.65 -22.78
N ALA A 124 -15.20 -6.46 -22.36
CA ALA A 124 -15.97 -7.54 -21.71
C ALA A 124 -16.63 -8.56 -22.68
N ASP A 125 -15.80 -9.23 -23.48
CA ASP A 125 -16.30 -10.22 -24.46
C ASP A 125 -16.10 -11.65 -23.99
N GLY A 126 -15.29 -11.81 -22.94
CA GLY A 126 -15.10 -13.11 -22.34
C GLY A 126 -13.94 -13.86 -22.94
N GLN A 127 -13.21 -13.19 -23.81
CA GLN A 127 -12.09 -13.81 -24.50
C GLN A 127 -10.81 -13.00 -24.25
N THR A 128 -10.93 -11.68 -24.30
CA THR A 128 -9.79 -10.76 -24.17
C THR A 128 -9.15 -10.79 -22.77
N PRO A 129 -7.89 -11.25 -22.69
CA PRO A 129 -7.19 -11.29 -21.42
C PRO A 129 -6.76 -9.89 -21.00
N VAL A 130 -7.06 -9.52 -19.75
CA VAL A 130 -6.73 -8.20 -19.22
C VAL A 130 -5.97 -8.33 -17.90
N SER A 131 -4.84 -7.65 -17.79
CA SER A 131 -4.10 -7.59 -16.54
C SER A 131 -4.78 -6.66 -15.52
N MET A 132 -5.51 -7.26 -14.58
CA MET A 132 -6.12 -6.49 -13.52
C MET A 132 -5.06 -5.75 -12.68
N GLN A 133 -3.88 -6.33 -12.52
CA GLN A 133 -2.81 -5.70 -11.75
C GLN A 133 -2.43 -4.38 -12.44
N ASP A 134 -2.17 -4.44 -13.74
CA ASP A 134 -1.91 -3.22 -14.53
C ASP A 134 -3.07 -2.21 -14.43
N MET A 135 -4.29 -2.69 -14.61
CA MET A 135 -5.44 -1.81 -14.65
C MET A 135 -5.67 -1.08 -13.35
N LEU A 136 -5.54 -1.83 -12.25
CA LEU A 136 -5.77 -1.31 -10.92
C LEU A 136 -4.65 -0.36 -10.59
N THR A 137 -3.47 -0.63 -11.16
CA THR A 137 -2.33 0.28 -10.95
C THR A 137 -2.54 1.61 -11.64
N TYR A 138 -2.98 1.55 -12.90
CA TYR A 138 -3.30 2.75 -13.65
C TYR A 138 -4.33 3.60 -12.95
N THR A 139 -5.41 2.97 -12.50
CA THR A 139 -6.48 3.63 -11.75
C THR A 139 -6.04 4.29 -10.44
N ALA A 140 -5.22 3.59 -9.66
CA ALA A 140 -4.75 4.10 -8.39
C ALA A 140 -3.79 5.25 -8.63
N MET A 141 -3.03 5.17 -9.72
CA MET A 141 -2.10 6.24 -10.04
C MET A 141 -2.86 7.52 -10.44
N ASP A 142 -3.83 7.36 -11.32
CA ASP A 142 -4.66 8.47 -11.77
C ASP A 142 -5.41 9.14 -10.60
N ILE A 143 -5.92 8.32 -9.68
CA ILE A 143 -6.57 8.84 -8.51
C ILE A 143 -5.55 9.65 -7.72
N LEU A 144 -4.40 9.05 -7.42
CA LEU A 144 -3.44 9.74 -6.54
C LEU A 144 -2.98 11.09 -7.08
N ALA A 145 -2.49 11.10 -8.33
CA ALA A 145 -2.05 12.33 -8.98
C ALA A 145 -3.07 13.47 -8.93
N LYS A 146 -4.33 13.14 -9.18
CA LYS A 146 -5.34 14.13 -9.25
C LYS A 146 -5.57 14.56 -7.82
N ALA A 147 -5.89 13.58 -6.97
CA ALA A 147 -6.28 13.90 -5.59
C ALA A 147 -5.18 14.61 -4.77
N ALA A 148 -3.92 14.21 -4.93
CA ALA A 148 -2.87 14.77 -4.08
C ALA A 148 -2.16 15.96 -4.65
N PHE A 149 -2.04 15.99 -5.98
CA PHE A 149 -1.16 16.93 -6.65
C PHE A 149 -1.89 17.81 -7.66
N GLY A 150 -3.20 17.58 -7.83
CA GLY A 150 -4.02 18.34 -8.80
C GLY A 150 -3.71 18.06 -10.28
N MET A 151 -2.99 16.99 -10.56
CA MET A 151 -2.50 16.70 -11.90
C MET A 151 -3.17 15.46 -12.52
N GLU A 152 -3.28 15.44 -13.84
CA GLU A 152 -3.89 14.33 -14.55
C GLU A 152 -2.85 13.48 -15.29
N THR A 153 -2.68 12.23 -14.87
CA THR A 153 -1.70 11.34 -15.50
C THR A 153 -2.32 10.57 -16.63
N SER A 154 -3.61 10.23 -16.51
CA SER A 154 -4.36 9.58 -17.59
C SER A 154 -3.76 8.26 -18.08
N MET A 155 -3.07 7.56 -17.18
CA MET A 155 -2.50 6.28 -17.52
C MET A 155 -3.59 5.34 -17.96
N LEU A 156 -4.79 5.52 -17.39
CA LEU A 156 -5.96 4.74 -17.77
C LEU A 156 -6.30 4.97 -19.23
N LEU A 157 -5.88 6.10 -19.78
CA LEU A 157 -6.13 6.40 -21.19
C LEU A 157 -4.88 6.18 -22.08
N GLY A 158 -3.91 5.44 -21.58
CA GLY A 158 -2.74 5.09 -22.38
C GLY A 158 -1.61 6.11 -22.35
N ALA A 159 -1.81 7.16 -21.57
CA ALA A 159 -0.82 8.22 -21.42
C ALA A 159 0.28 7.86 -20.40
N GLN A 160 1.33 8.70 -20.35
CA GLN A 160 2.44 8.57 -19.41
C GLN A 160 3.07 7.19 -19.33
N LYS A 161 3.34 6.59 -20.47
CA LYS A 161 4.03 5.29 -20.48
C LYS A 161 5.47 5.31 -19.84
N PRO A 162 6.26 6.38 -20.10
CA PRO A 162 7.55 6.55 -19.42
C PRO A 162 7.44 6.72 -17.90
N LEU A 163 6.43 7.47 -17.43
CA LEU A 163 6.23 7.61 -15.98
C LEU A 163 6.04 6.25 -15.32
N SER A 164 5.18 5.42 -15.91
CA SER A 164 4.81 4.16 -15.27
C SER A 164 5.91 3.12 -15.52
N GLN A 165 6.73 3.38 -16.51
CA GLN A 165 7.94 2.63 -16.70
C GLN A 165 8.96 2.98 -15.59
N ALA A 166 9.14 4.25 -15.28
CA ALA A 166 10.07 4.65 -14.24
C ALA A 166 9.68 4.05 -12.88
N VAL A 167 8.39 4.13 -12.52
CA VAL A 167 7.84 3.49 -11.31
C VAL A 167 8.12 1.97 -11.27
N LYS A 168 7.79 1.28 -12.36
CA LYS A 168 8.06 -0.16 -12.47
C LYS A 168 9.55 -0.54 -12.20
N LEU A 169 10.47 0.25 -12.73
CA LEU A 169 11.88 -0.08 -12.61
C LEU A 169 12.38 0.28 -11.21
N MET A 170 11.94 1.42 -10.71
CA MET A 170 12.29 1.82 -9.39
C MET A 170 11.93 0.71 -8.38
N LEU A 171 10.80 0.05 -8.61
CA LEU A 171 10.28 -0.92 -7.65
C LEU A 171 11.00 -2.26 -7.75
N GLU A 172 11.23 -2.73 -8.98
CA GLU A 172 12.11 -3.88 -9.22
C GLU A 172 13.49 -3.57 -8.68
N GLY A 173 13.91 -2.33 -8.83
CA GLY A 173 15.16 -1.85 -8.25
C GLY A 173 15.26 -2.01 -6.75
N ILE A 174 14.18 -1.77 -6.03
CA ILE A 174 14.18 -1.93 -4.58
C ILE A 174 14.37 -3.41 -4.21
N THR A 175 13.68 -4.30 -4.92
CA THR A 175 13.85 -5.75 -4.76
C THR A 175 15.35 -6.13 -4.76
N ALA A 176 16.05 -5.72 -5.82
CA ALA A 176 17.46 -6.05 -5.99
C ALA A 176 18.37 -5.30 -5.01
N SER A 177 17.97 -4.09 -4.63
CA SER A 177 18.77 -3.24 -3.74
C SER A 177 18.89 -3.85 -2.35
N ARG A 178 18.04 -4.84 -2.09
CA ARG A 178 18.09 -5.62 -0.85
C ARG A 178 19.19 -6.68 -0.95
N ASN A 179 19.36 -7.21 -2.16
CA ASN A 179 19.89 -8.56 -2.34
C ASN A 179 21.37 -8.78 -2.59
N THR A 180 21.73 -8.78 -3.87
CA THR A 180 22.81 -9.59 -4.43
C THR A 180 24.25 -9.29 -3.96
N LEU A 181 24.93 -10.23 -3.29
CA LEU A 181 24.46 -11.62 -3.02
C LEU A 181 25.00 -12.64 -4.03
N ALA A 182 26.16 -12.33 -4.61
CA ALA A 182 26.77 -13.13 -5.69
C ALA A 182 26.08 -12.93 -7.06
N LYS A 183 24.84 -12.44 -7.03
CA LYS A 183 24.09 -12.16 -8.25
C LYS A 183 24.34 -10.76 -8.83
N PHE A 184 25.49 -10.17 -8.51
CA PHE A 184 25.87 -8.88 -9.10
C PHE A 184 26.72 -8.98 -10.39
N LEU A 185 27.30 -10.15 -10.65
CA LEU A 185 27.97 -10.43 -11.94
C LEU A 185 26.98 -10.71 -13.10
N PRO A 186 25.90 -11.47 -12.83
CA PRO A 186 24.89 -11.79 -13.85
C PRO A 186 23.95 -10.62 -14.19
N GLY A 187 23.28 -10.07 -13.18
CA GLY A 187 22.33 -8.96 -13.35
C GLY A 187 23.00 -7.65 -13.78
N LYS A 188 23.06 -7.42 -15.08
CA LYS A 188 23.94 -6.41 -15.69
C LYS A 188 23.82 -4.96 -15.20
N ARG A 189 24.79 -4.14 -15.60
CA ARG A 189 24.82 -2.71 -15.25
C ARG A 189 23.62 -1.96 -15.87
N LYS A 190 23.06 -2.53 -16.95
CA LYS A 190 21.82 -2.02 -17.54
C LYS A 190 20.76 -1.80 -16.46
N GLN A 191 20.39 -2.86 -15.74
CA GLN A 191 19.40 -2.74 -14.69
C GLN A 191 19.76 -1.67 -13.66
N LEU A 192 21.03 -1.60 -13.28
CA LEU A 192 21.48 -0.65 -12.25
C LEU A 192 21.28 0.81 -12.64
N ARG A 193 21.68 1.16 -13.86
CA ARG A 193 21.56 2.54 -14.31
C ARG A 193 20.15 2.91 -14.71
N GLU A 194 19.37 1.91 -15.10
CA GLU A 194 17.97 2.11 -15.43
C GLU A 194 17.19 2.49 -14.17
N VAL A 195 17.54 1.84 -13.06
CA VAL A 195 16.99 2.17 -11.77
C VAL A 195 17.36 3.58 -11.34
N ARG A 196 18.62 3.95 -11.54
CA ARG A 196 19.06 5.30 -11.18
C ARG A 196 18.35 6.31 -12.05
N GLU A 197 18.31 6.04 -13.35
CA GLU A 197 17.54 6.83 -14.31
C GLU A 197 16.12 7.02 -13.78
N SER A 198 15.46 5.90 -13.52
CA SER A 198 14.07 5.90 -13.07
C SER A 198 13.87 6.76 -11.81
N ILE A 199 14.78 6.64 -10.85
CA ILE A 199 14.65 7.37 -9.60
C ILE A 199 14.79 8.86 -9.82
N ARG A 200 15.65 9.24 -10.76
CA ARG A 200 15.81 10.64 -11.12
C ARG A 200 14.62 11.15 -11.93
N PHE A 201 14.12 10.34 -12.85
CA PHE A 201 12.87 10.64 -13.51
C PHE A 201 11.79 11.06 -12.48
N LEU A 202 11.62 10.25 -11.44
CA LEU A 202 10.59 10.51 -10.43
C LEU A 202 10.74 11.82 -9.67
N ARG A 203 11.98 12.16 -9.27
CA ARG A 203 12.25 13.41 -8.58
C ARG A 203 11.98 14.60 -9.50
N GLN A 204 12.26 14.41 -10.80
CA GLN A 204 12.10 15.49 -11.78
C GLN A 204 10.61 15.78 -12.02
N VAL A 205 9.80 14.73 -12.09
CA VAL A 205 8.34 14.90 -12.12
C VAL A 205 7.91 15.75 -10.93
N GLY A 206 8.51 15.47 -9.76
CA GLY A 206 8.30 16.26 -8.56
C GLY A 206 8.65 17.73 -8.78
N ARG A 207 9.87 17.98 -9.25
CA ARG A 207 10.31 19.35 -9.52
C ARG A 207 9.31 20.10 -10.37
N ASP A 208 8.90 19.49 -11.48
CA ASP A 208 7.92 20.09 -12.39
C ASP A 208 6.54 20.35 -11.78
N TRP A 209 6.06 19.43 -10.96
CA TRP A 209 4.69 19.55 -10.44
C TRP A 209 4.69 20.53 -9.29
N VAL A 210 5.83 20.66 -8.61
CA VAL A 210 6.04 21.70 -7.63
C VAL A 210 6.11 23.07 -8.36
N GLN A 211 6.73 23.06 -9.53
CA GLN A 211 6.86 24.25 -10.35
C GLN A 211 5.47 24.66 -10.79
N ARG A 212 4.79 23.76 -11.51
CA ARG A 212 3.45 24.03 -12.03
C ARG A 212 2.53 24.57 -10.97
N ARG A 213 2.70 24.05 -9.75
CA ARG A 213 1.92 24.49 -8.62
C ARG A 213 2.29 25.92 -8.17
N ARG A 214 3.59 26.21 -8.16
CA ARG A 214 4.09 27.51 -7.68
C ARG A 214 3.74 28.60 -8.68
N GLU A 215 3.90 28.26 -9.96
CA GLU A 215 3.43 29.10 -11.05
C GLU A 215 1.96 29.52 -10.90
N ALA A 216 1.07 28.58 -10.60
CA ALA A 216 -0.35 28.91 -10.47
C ALA A 216 -0.59 29.89 -9.33
N LEU A 217 -0.03 29.59 -8.17
CA LEU A 217 -0.15 30.47 -7.01
C LEU A 217 0.38 31.88 -7.33
N LYS A 218 1.49 31.95 -8.08
CA LYS A 218 2.10 33.24 -8.49
C LYS A 218 1.23 34.12 -9.41
N ARG A 219 0.27 33.49 -10.10
CA ARG A 219 -0.68 34.22 -10.93
C ARG A 219 -1.91 34.47 -10.09
N GLY A 220 -1.76 34.34 -8.77
CA GLY A 220 -2.86 34.51 -7.82
C GLY A 220 -4.03 33.57 -8.07
N GLU A 221 -3.73 32.40 -8.62
CA GLU A 221 -4.77 31.41 -8.90
C GLU A 221 -5.18 30.72 -7.63
N GLU A 222 -6.42 30.24 -7.61
CA GLU A 222 -6.99 29.64 -6.41
C GLU A 222 -6.75 28.12 -6.41
N VAL A 223 -5.99 27.63 -5.44
CA VAL A 223 -5.76 26.19 -5.33
C VAL A 223 -6.35 25.62 -4.06
N PRO A 224 -7.32 24.70 -4.20
CA PRO A 224 -7.89 24.01 -3.04
C PRO A 224 -6.84 23.23 -2.24
N ALA A 225 -7.04 23.18 -0.92
CA ALA A 225 -6.11 22.51 -0.01
C ALA A 225 -5.90 21.05 -0.36
N ASP A 226 -4.65 20.61 -0.23
CA ASP A 226 -4.14 19.47 -0.94
C ASP A 226 -3.13 18.75 -0.09
N ILE A 227 -2.75 17.54 -0.49
CA ILE A 227 -1.59 16.91 0.09
C ILE A 227 -0.37 17.75 -0.30
N LEU A 228 -0.33 18.16 -1.56
CA LEU A 228 0.78 19.00 -2.05
C LEU A 228 0.86 20.29 -1.24
N THR A 229 -0.27 20.97 -1.09
CA THR A 229 -0.37 22.18 -0.26
C THR A 229 0.35 21.93 1.05
N GLN A 230 0.05 20.81 1.70
CA GLN A 230 0.60 20.53 3.03
C GLN A 230 2.05 20.04 3.04
N ILE A 231 2.48 19.36 1.99
CA ILE A 231 3.89 18.98 1.90
C ILE A 231 4.81 20.22 1.74
N LEU A 232 4.47 21.10 0.80
CA LEU A 232 5.07 22.46 0.67
C LEU A 232 5.15 23.28 1.96
N LYS A 233 4.04 23.34 2.69
CA LYS A 233 3.95 24.07 3.94
C LYS A 233 4.87 23.49 4.99
N ALA A 234 4.95 22.16 5.03
CA ALA A 234 5.88 21.48 5.92
C ALA A 234 7.33 21.83 5.57
N GLU A 235 7.54 22.37 4.38
CA GLU A 235 8.88 22.70 3.90
C GLU A 235 9.27 24.18 3.89
N GLU A 236 8.38 25.05 4.37
CA GLU A 236 8.65 26.48 4.34
C GLU A 236 9.73 26.84 5.38
N GLY A 237 10.81 27.46 4.91
CA GLY A 237 11.97 27.73 5.75
C GLY A 237 13.22 26.97 5.32
N ALA A 238 13.01 25.83 4.69
CA ALA A 238 14.13 25.02 4.19
C ALA A 238 15.04 25.76 3.19
N GLN A 239 16.33 25.44 3.23
CA GLN A 239 17.30 26.01 2.28
C GLN A 239 17.06 25.39 0.90
N ASP A 240 16.68 24.11 0.90
CA ASP A 240 16.56 23.32 -0.32
C ASP A 240 15.11 22.90 -0.54
N ASP A 241 14.81 22.42 -1.75
CA ASP A 241 13.52 21.82 -2.03
C ASP A 241 13.58 20.30 -1.80
N GLU A 242 14.72 19.85 -1.27
CA GLU A 242 15.10 18.44 -1.25
C GLU A 242 14.25 17.61 -0.27
N GLY A 243 13.88 18.21 0.85
CA GLY A 243 12.97 17.59 1.80
C GLY A 243 11.56 17.54 1.27
N LEU A 244 11.28 18.40 0.31
CA LEU A 244 9.97 18.50 -0.29
C LEU A 244 9.78 17.42 -1.36
N LEU A 245 10.85 17.13 -2.07
CA LEU A 245 10.86 16.11 -3.09
C LEU A 245 10.76 14.69 -2.48
N ASP A 246 11.52 14.48 -1.40
CA ASP A 246 11.37 13.28 -0.57
C ASP A 246 9.87 13.00 -0.36
N ASN A 247 9.17 13.98 0.21
CA ASN A 247 7.74 13.87 0.43
C ASN A 247 6.89 13.74 -0.85
N PHE A 248 7.30 14.39 -1.92
CA PHE A 248 6.60 14.21 -3.18
C PHE A 248 6.69 12.77 -3.66
N VAL A 249 7.90 12.23 -3.68
CA VAL A 249 8.12 10.84 -4.15
C VAL A 249 7.45 9.82 -3.21
N THR A 250 7.58 10.04 -1.91
CA THR A 250 6.94 9.15 -0.92
C THR A 250 5.44 9.01 -1.22
N PHE A 251 4.77 10.15 -1.36
CA PHE A 251 3.33 10.16 -1.57
C PHE A 251 3.00 9.69 -2.96
N PHE A 252 3.91 9.94 -3.88
CA PHE A 252 3.66 9.55 -5.23
C PHE A 252 3.57 8.02 -5.36
N ILE A 253 4.38 7.32 -4.57
CA ILE A 253 4.41 5.86 -4.62
C ILE A 253 3.49 5.21 -3.56
N ALA A 254 3.68 5.60 -2.30
CA ALA A 254 2.85 5.11 -1.19
C ALA A 254 1.38 5.32 -1.44
N GLY A 255 1.04 6.41 -2.11
CA GLY A 255 -0.35 6.76 -2.25
C GLY A 255 -1.04 6.11 -3.42
N HIS A 256 -0.36 5.19 -4.12
CA HIS A 256 -0.96 4.45 -5.22
C HIS A 256 -0.58 2.96 -5.29
N GLU A 257 0.65 2.62 -4.93
CA GLU A 257 1.16 1.26 -5.17
C GLU A 257 0.51 0.23 -4.26
N THR A 258 0.46 0.53 -2.97
CA THR A 258 -0.09 -0.42 -2.03
C THR A 258 -1.62 -0.51 -2.14
N SER A 259 -2.29 0.59 -2.49
CA SER A 259 -3.75 0.53 -2.83
C SER A 259 -3.99 -0.36 -4.05
N ALA A 260 -3.13 -0.24 -5.05
CA ALA A 260 -3.15 -1.11 -6.21
C ALA A 260 -2.92 -2.60 -5.85
N ASN A 261 -1.90 -2.90 -5.05
CA ASN A 261 -1.67 -4.28 -4.64
C ASN A 261 -2.93 -4.84 -3.93
N HIS A 262 -3.50 -4.03 -3.05
CA HIS A 262 -4.63 -4.47 -2.24
C HIS A 262 -5.84 -4.75 -3.15
N LEU A 263 -6.06 -3.89 -4.14
CA LEU A 263 -7.14 -4.12 -5.09
C LEU A 263 -6.88 -5.42 -5.87
N ALA A 264 -5.65 -5.59 -6.35
CA ALA A 264 -5.26 -6.73 -7.17
C ALA A 264 -5.46 -8.05 -6.41
N PHE A 265 -4.90 -8.16 -5.20
CA PHE A 265 -5.14 -9.34 -4.34
C PHE A 265 -6.63 -9.62 -4.14
N THR A 266 -7.41 -8.58 -3.91
CA THR A 266 -8.84 -8.75 -3.64
C THR A 266 -9.50 -9.34 -4.87
N VAL A 267 -9.25 -8.76 -6.04
CA VAL A 267 -9.85 -9.26 -7.29
C VAL A 267 -9.34 -10.70 -7.53
N MET A 268 -8.06 -10.93 -7.31
CA MET A 268 -7.50 -12.26 -7.50
C MET A 268 -8.23 -13.30 -6.63
N GLU A 269 -8.33 -13.03 -5.34
CA GLU A 269 -8.97 -13.99 -4.44
C GLU A 269 -10.47 -14.17 -4.73
N LEU A 270 -11.15 -13.09 -5.08
CA LEU A 270 -12.59 -13.14 -5.39
C LEU A 270 -12.93 -14.01 -6.60
N SER A 271 -12.02 -14.06 -7.56
CA SER A 271 -12.15 -14.93 -8.72
C SER A 271 -12.40 -16.40 -8.44
N ARG A 272 -12.19 -16.83 -7.19
CA ARG A 272 -12.47 -18.23 -6.79
C ARG A 272 -13.37 -18.32 -5.54
N GLN A 273 -14.05 -17.22 -5.24
CA GLN A 273 -15.02 -17.19 -4.13
C GLN A 273 -16.42 -16.79 -4.61
N PRO A 274 -17.09 -17.67 -5.38
CA PRO A 274 -18.37 -17.32 -6.03
C PRO A 274 -19.50 -16.96 -5.06
N GLU A 275 -19.58 -17.66 -3.95
CA GLU A 275 -20.55 -17.37 -2.92
C GLU A 275 -20.35 -15.98 -2.35
N ILE A 276 -19.09 -15.63 -2.10
CA ILE A 276 -18.72 -14.33 -1.49
C ILE A 276 -19.12 -13.27 -2.48
N VAL A 277 -18.80 -13.52 -3.74
CA VAL A 277 -19.10 -12.59 -4.82
C VAL A 277 -20.60 -12.29 -4.90
N ALA A 278 -21.42 -13.34 -4.80
CA ALA A 278 -22.88 -13.19 -4.97
C ALA A 278 -23.40 -12.28 -3.88
N ARG A 279 -22.88 -12.47 -2.68
CA ARG A 279 -23.33 -11.72 -1.53
C ARG A 279 -22.86 -10.26 -1.64
N LEU A 280 -21.67 -10.07 -2.23
CA LEU A 280 -21.18 -8.73 -2.51
C LEU A 280 -22.11 -8.07 -3.52
N GLN A 281 -22.49 -8.82 -4.56
CA GLN A 281 -23.36 -8.28 -5.58
C GLN A 281 -24.70 -7.89 -4.95
N ALA A 282 -25.24 -8.79 -4.15
CA ALA A 282 -26.49 -8.52 -3.43
C ALA A 282 -26.42 -7.24 -2.57
N GLU A 283 -25.28 -7.04 -1.90
CA GLU A 283 -25.13 -5.85 -1.06
C GLU A 283 -25.06 -4.56 -1.90
N VAL A 284 -24.27 -4.61 -2.95
CA VAL A 284 -24.09 -3.45 -3.79
C VAL A 284 -25.46 -3.07 -4.43
N ASP A 285 -26.23 -4.07 -4.84
CA ASP A 285 -27.57 -3.83 -5.38
C ASP A 285 -28.52 -3.09 -4.44
N GLU A 286 -28.44 -3.37 -3.14
CA GLU A 286 -29.33 -2.71 -2.21
C GLU A 286 -28.83 -1.35 -1.70
N VAL A 287 -27.53 -1.15 -1.70
CA VAL A 287 -27.01 0.09 -1.15
C VAL A 287 -27.02 1.19 -2.21
N ILE A 288 -26.48 0.88 -3.38
CA ILE A 288 -26.41 1.87 -4.44
C ILE A 288 -27.33 1.57 -5.62
N GLY A 289 -27.81 0.33 -5.70
CA GLY A 289 -28.61 -0.10 -6.85
C GLY A 289 -27.77 -0.09 -8.11
N SER A 290 -28.24 0.64 -9.10
CA SER A 290 -27.53 0.80 -10.38
C SER A 290 -27.06 2.26 -10.55
N LYS A 291 -27.26 3.06 -9.50
CA LYS A 291 -26.85 4.47 -9.48
C LYS A 291 -25.33 4.58 -9.69
N ARG A 292 -24.91 5.67 -10.33
CA ARG A 292 -23.55 5.80 -10.83
C ARG A 292 -22.55 6.43 -9.88
N TYR A 293 -22.94 7.49 -9.20
CA TYR A 293 -22.06 8.15 -8.23
C TYR A 293 -22.33 7.57 -6.83
N LEU A 294 -21.26 7.18 -6.12
CA LEU A 294 -21.37 6.79 -4.72
C LEU A 294 -21.05 7.97 -3.81
N ASP A 295 -21.97 8.29 -2.90
CA ASP A 295 -21.78 9.38 -1.96
C ASP A 295 -20.94 8.85 -0.82
N PHE A 296 -20.38 9.75 -0.02
CA PHE A 296 -19.61 9.33 1.15
C PHE A 296 -20.45 8.47 2.08
N GLU A 297 -21.75 8.79 2.19
CA GLU A 297 -22.63 8.09 3.14
C GLU A 297 -22.88 6.66 2.66
N ASP A 298 -22.80 6.45 1.36
CA ASP A 298 -23.00 5.14 0.78
C ASP A 298 -21.90 4.15 1.20
N LEU A 299 -20.66 4.64 1.33
CA LEU A 299 -19.51 3.79 1.64
C LEU A 299 -19.68 3.09 2.97
N GLY A 300 -20.17 3.83 3.96
CA GLY A 300 -20.36 3.29 5.30
C GLY A 300 -21.29 2.10 5.32
N ARG A 301 -22.19 2.01 4.35
CA ARG A 301 -23.18 0.97 4.30
C ARG A 301 -22.74 -0.29 3.57
N LEU A 302 -21.59 -0.22 2.91
CA LEU A 302 -21.01 -1.40 2.28
C LEU A 302 -20.29 -2.29 3.35
N GLN A 303 -21.05 -2.64 4.38
CA GLN A 303 -20.58 -3.44 5.49
C GLN A 303 -19.87 -4.73 5.09
N TYR A 304 -20.57 -5.55 4.30
CA TYR A 304 -19.98 -6.79 3.86
C TYR A 304 -18.69 -6.58 3.00
N LEU A 305 -18.71 -5.58 2.13
CA LEU A 305 -17.55 -5.25 1.34
C LEU A 305 -16.38 -4.85 2.23
N SER A 306 -16.66 -4.15 3.32
CA SER A 306 -15.64 -3.86 4.32
C SER A 306 -14.99 -5.09 4.90
N GLN A 307 -15.80 -6.10 5.21
CA GLN A 307 -15.29 -7.33 5.82
C GLN A 307 -14.41 -8.07 4.84
N VAL A 308 -14.82 -8.10 3.58
CA VAL A 308 -14.09 -8.79 2.53
C VAL A 308 -12.70 -8.18 2.38
N LEU A 309 -12.64 -6.85 2.37
CA LEU A 309 -11.40 -6.13 2.24
C LEU A 309 -10.52 -6.32 3.46
N LYS A 310 -11.12 -6.31 4.64
CA LYS A 310 -10.36 -6.57 5.87
C LYS A 310 -9.75 -7.96 5.85
N GLU A 311 -10.51 -8.92 5.33
CA GLU A 311 -10.07 -10.26 5.24
C GLU A 311 -9.00 -10.38 4.16
N SER A 312 -9.19 -9.70 3.03
CA SER A 312 -8.14 -9.64 2.02
C SER A 312 -6.81 -9.09 2.63
N LEU A 313 -6.89 -8.04 3.44
CA LEU A 313 -5.69 -7.46 4.08
C LEU A 313 -5.05 -8.37 5.16
N ARG A 314 -5.82 -9.29 5.71
CA ARG A 314 -5.28 -10.22 6.69
C ARG A 314 -4.36 -11.27 6.07
N LEU A 315 -4.81 -11.90 4.98
CA LEU A 315 -4.02 -12.86 4.21
C LEU A 315 -3.01 -12.23 3.22
N TYR A 316 -3.41 -11.12 2.58
CA TYR A 316 -2.58 -10.43 1.61
C TYR A 316 -2.29 -8.94 1.95
N PRO A 317 -1.57 -8.68 3.04
CA PRO A 317 -1.22 -7.29 3.36
C PRO A 317 -0.04 -6.90 2.53
N PRO A 318 -0.20 -5.88 1.68
CA PRO A 318 0.91 -5.39 0.84
C PRO A 318 2.09 -4.85 1.65
N ALA A 319 1.75 -4.20 2.75
CA ALA A 319 2.76 -3.65 3.64
C ALA A 319 2.74 -4.60 4.85
N TRP A 320 3.67 -5.53 4.85
CA TRP A 320 3.61 -6.62 5.74
C TRP A 320 3.89 -6.31 7.21
N GLY A 321 4.62 -5.23 7.47
CA GLY A 321 4.94 -4.91 8.84
C GLY A 321 5.75 -3.66 8.98
N THR A 322 6.63 -3.62 9.98
CA THR A 322 7.41 -2.43 10.32
C THR A 322 8.54 -2.82 11.26
N PHE A 323 9.48 -1.90 11.49
CA PHE A 323 10.62 -2.13 12.40
C PHE A 323 10.73 -1.01 13.45
N ARG A 324 10.97 -1.37 14.70
CA ARG A 324 11.32 -0.40 15.71
C ARG A 324 12.72 -0.73 16.23
N LEU A 325 13.40 0.26 16.79
CA LEU A 325 14.69 0.05 17.45
C LEU A 325 14.52 -0.15 18.97
N LEU A 326 14.98 -1.30 19.47
CA LEU A 326 14.98 -1.51 20.91
C LEU A 326 16.31 -1.00 21.46
N GLU A 327 16.25 0.14 22.15
CA GLU A 327 17.46 0.87 22.58
C GLU A 327 18.07 0.37 23.87
N GLU A 328 17.23 -0.09 24.80
CA GLU A 328 17.70 -0.67 26.05
C GLU A 328 17.39 -2.14 26.04
N GLU A 329 18.29 -2.95 26.57
CA GLU A 329 18.01 -4.38 26.78
C GLU A 329 16.68 -4.52 27.50
N THR A 330 15.82 -5.38 26.95
CA THR A 330 14.50 -5.54 27.48
C THR A 330 14.21 -7.02 27.44
N LEU A 331 13.38 -7.49 28.38
CA LEU A 331 12.88 -8.86 28.38
C LEU A 331 11.60 -8.93 27.54
N ILE A 332 11.58 -9.74 26.49
CA ILE A 332 10.39 -9.90 25.64
C ILE A 332 9.92 -11.34 25.61
N ASP A 333 8.71 -11.57 26.10
CA ASP A 333 8.14 -12.93 26.26
C ASP A 333 9.16 -13.93 26.79
N GLY A 334 9.80 -13.57 27.90
CA GLY A 334 10.74 -14.45 28.58
C GLY A 334 12.14 -14.56 27.96
N VAL A 335 12.41 -13.71 26.98
CA VAL A 335 13.71 -13.71 26.29
C VAL A 335 14.40 -12.37 26.49
N ARG A 336 15.59 -12.42 27.08
CA ARG A 336 16.42 -11.23 27.24
C ARG A 336 16.89 -10.83 25.85
N VAL A 337 16.51 -9.63 25.40
CA VAL A 337 16.92 -9.15 24.07
C VAL A 337 17.78 -7.94 24.33
N PRO A 338 18.99 -7.93 23.80
CA PRO A 338 19.95 -6.86 24.13
C PRO A 338 19.54 -5.52 23.53
N GLY A 339 19.88 -4.43 24.21
CA GLY A 339 19.75 -3.09 23.67
C GLY A 339 20.39 -3.02 22.31
N ASN A 340 20.13 -1.91 21.62
CA ASN A 340 20.54 -1.74 20.21
C ASN A 340 20.09 -2.79 19.18
N THR A 341 18.94 -3.42 19.42
CA THR A 341 18.49 -4.50 18.55
C THR A 341 17.23 -4.06 17.78
N PRO A 342 17.26 -4.21 16.44
CA PRO A 342 16.09 -3.92 15.59
C PRO A 342 14.97 -4.94 15.82
N LEU A 343 13.75 -4.47 16.04
CA LEU A 343 12.57 -5.36 16.17
C LEU A 343 11.72 -5.31 14.89
N LEU A 344 11.32 -6.48 14.42
CA LEU A 344 10.53 -6.59 13.21
C LEU A 344 9.15 -7.09 13.58
N PHE A 345 8.12 -6.38 13.11
CA PHE A 345 6.73 -6.77 13.36
C PHE A 345 6.14 -7.16 12.03
N SER A 346 5.31 -8.22 12.02
CA SER A 346 4.70 -8.70 10.77
C SER A 346 3.22 -9.06 10.88
N THR A 347 2.37 -8.30 10.18
CA THR A 347 0.94 -8.62 10.18
C THR A 347 0.69 -9.79 9.23
N TYR A 348 1.56 -9.97 8.25
CA TYR A 348 1.48 -11.12 7.38
C TYR A 348 1.67 -12.39 8.21
N VAL A 349 2.70 -12.39 9.06
CA VAL A 349 3.03 -13.57 9.85
C VAL A 349 1.88 -13.91 10.78
N MET A 350 1.48 -12.95 11.61
CA MET A 350 0.44 -13.16 12.59
C MET A 350 -0.89 -13.55 12.00
N GLY A 351 -1.25 -12.99 10.85
CA GLY A 351 -2.51 -13.36 10.19
C GLY A 351 -2.59 -14.82 9.71
N ARG A 352 -1.43 -15.45 9.60
CA ARG A 352 -1.32 -16.86 9.13
C ARG A 352 -0.99 -17.87 10.26
N MET A 353 -0.98 -17.40 11.50
CA MET A 353 -0.83 -18.28 12.65
C MET A 353 -2.17 -18.78 13.23
N ASP A 354 -2.36 -20.11 13.23
CA ASP A 354 -3.56 -20.69 13.80
C ASP A 354 -3.70 -20.41 15.29
N THR A 355 -2.61 -19.96 15.92
CA THR A 355 -2.64 -19.48 17.31
C THR A 355 -3.58 -18.28 17.46
N TYR A 356 -3.71 -17.49 16.39
CA TYR A 356 -4.45 -16.21 16.45
C TYR A 356 -5.65 -16.19 15.57
N PHE A 357 -5.69 -17.12 14.61
CA PHE A 357 -6.78 -17.21 13.64
C PHE A 357 -7.10 -18.65 13.33
N GLU A 358 -8.32 -19.07 13.64
CA GLU A 358 -8.73 -20.42 13.35
C GLU A 358 -8.68 -20.60 11.85
N ASP A 359 -8.12 -21.73 11.41
CA ASP A 359 -8.15 -22.14 10.01
C ASP A 359 -7.65 -21.00 9.10
N PRO A 360 -6.39 -20.57 9.32
CA PRO A 360 -5.92 -19.30 8.81
C PRO A 360 -5.80 -19.16 7.28
N LEU A 361 -5.80 -20.25 6.53
CA LEU A 361 -5.69 -20.15 5.06
C LEU A 361 -7.04 -20.06 4.38
N THR A 362 -8.11 -20.16 5.17
CA THR A 362 -9.46 -20.02 4.64
C THR A 362 -9.81 -18.54 4.61
N PHE A 363 -10.16 -18.07 3.42
CA PHE A 363 -10.62 -16.70 3.24
C PHE A 363 -12.07 -16.64 3.74
N ASN A 364 -12.27 -16.02 4.91
CA ASN A 364 -13.60 -16.00 5.55
C ASN A 364 -13.96 -14.65 6.15
N PRO A 365 -14.68 -13.84 5.38
CA PRO A 365 -15.04 -12.47 5.73
C PRO A 365 -15.92 -12.34 6.97
N ASP A 366 -16.59 -13.43 7.33
CA ASP A 366 -17.34 -13.46 8.61
C ASP A 366 -16.47 -13.27 9.86
N ARG A 367 -15.15 -13.42 9.72
CA ARG A 367 -14.25 -13.19 10.84
C ARG A 367 -14.37 -11.74 11.25
N PHE A 368 -14.81 -10.89 10.33
CA PHE A 368 -14.99 -9.46 10.66
C PHE A 368 -16.44 -8.99 10.80
N GLY A 369 -17.36 -9.95 10.90
CA GLY A 369 -18.79 -9.64 11.00
C GLY A 369 -19.11 -8.81 12.25
N PRO A 370 -20.27 -8.14 12.25
CA PRO A 370 -20.63 -7.31 13.40
C PRO A 370 -20.81 -8.28 14.56
N GLY A 371 -20.23 -7.96 15.72
CA GLY A 371 -20.42 -8.81 16.90
C GLY A 371 -19.24 -9.72 17.14
N ALA A 372 -18.48 -10.00 16.10
CA ALA A 372 -17.22 -10.70 16.25
C ALA A 372 -16.23 -9.78 16.96
N PRO A 373 -15.69 -10.21 18.11
CA PRO A 373 -14.61 -9.45 18.77
C PRO A 373 -13.52 -9.07 17.77
N LYS A 374 -13.15 -7.79 17.76
CA LYS A 374 -12.06 -7.32 16.94
C LYS A 374 -10.77 -8.05 17.28
N PRO A 375 -9.92 -8.32 16.27
CA PRO A 375 -8.60 -8.88 16.52
C PRO A 375 -7.81 -7.94 17.42
N ARG A 376 -7.07 -8.51 18.35
CA ARG A 376 -6.44 -7.74 19.37
C ARG A 376 -4.94 -7.79 19.15
N PHE A 377 -4.40 -6.82 18.41
CA PHE A 377 -2.96 -6.75 18.10
C PHE A 377 -2.41 -7.96 17.31
N THR A 378 -3.30 -8.65 16.61
CA THR A 378 -2.90 -9.74 15.75
C THR A 378 -3.11 -9.38 14.28
N TYR A 379 -3.50 -8.15 14.02
CA TYR A 379 -3.82 -7.72 12.69
C TYR A 379 -3.61 -6.20 12.59
N PHE A 380 -2.75 -5.79 11.67
CA PHE A 380 -2.46 -4.37 11.53
C PHE A 380 -1.94 -4.06 10.15
N PRO A 381 -2.81 -4.21 9.15
CA PRO A 381 -2.38 -3.99 7.77
C PRO A 381 -2.01 -2.49 7.49
N PHE A 382 -2.32 -1.59 8.41
CA PHE A 382 -2.01 -0.16 8.31
C PHE A 382 -1.05 0.25 9.44
N SER A 383 -0.40 -0.75 10.06
CA SER A 383 0.39 -0.56 11.30
C SER A 383 -0.44 0.00 12.45
N LEU A 384 0.22 0.43 13.53
CA LEU A 384 -0.49 0.96 14.73
C LEU A 384 0.30 2.07 15.43
N GLY A 385 -0.36 2.75 16.38
CA GLY A 385 0.29 3.81 17.15
C GLY A 385 0.65 5.02 16.28
N HIS A 386 1.62 5.80 16.73
CA HIS A 386 1.94 7.07 16.08
C HIS A 386 2.45 6.95 14.62
N ARG A 387 3.05 5.83 14.26
CA ARG A 387 3.61 5.70 12.91
C ARG A 387 2.68 4.88 11.98
N SER A 388 1.42 4.75 12.37
CA SER A 388 0.43 4.09 11.51
C SER A 388 0.15 4.94 10.26
N CYS A 389 -0.44 4.31 9.25
CA CYS A 389 -0.60 4.90 7.94
C CYS A 389 -1.45 6.14 7.97
N ILE A 390 -0.87 7.26 7.52
CA ILE A 390 -1.62 8.50 7.38
C ILE A 390 -2.75 8.38 6.36
N GLY A 391 -2.56 7.50 5.38
CA GLY A 391 -3.50 7.37 4.25
C GLY A 391 -4.54 6.28 4.37
N GLN A 392 -4.60 5.65 5.53
CA GLN A 392 -5.61 4.65 5.82
C GLN A 392 -7.02 4.93 5.27
N GLN A 393 -7.70 5.95 5.80
CA GLN A 393 -9.05 6.30 5.35
C GLN A 393 -9.15 6.63 3.88
N PHE A 394 -8.23 7.46 3.40
CA PHE A 394 -8.06 7.71 1.97
C PHE A 394 -8.09 6.37 1.17
N ALA A 395 -7.30 5.38 1.60
CA ALA A 395 -7.16 4.12 0.90
C ALA A 395 -8.47 3.34 0.97
N GLN A 396 -9.00 3.21 2.18
CA GLN A 396 -10.22 2.46 2.39
C GLN A 396 -11.37 3.06 1.60
N MET A 397 -11.42 4.39 1.53
CA MET A 397 -12.41 5.05 0.67
C MET A 397 -12.24 4.68 -0.81
N GLU A 398 -11.07 4.94 -1.38
CA GLU A 398 -10.90 4.74 -2.82
C GLU A 398 -11.15 3.24 -3.21
N VAL A 399 -10.69 2.36 -2.35
CA VAL A 399 -10.74 0.96 -2.64
C VAL A 399 -12.21 0.48 -2.67
N LYS A 400 -13.02 0.95 -1.71
CA LYS A 400 -14.47 0.67 -1.74
C LYS A 400 -15.12 1.27 -2.97
N VAL A 401 -14.70 2.45 -3.38
CA VAL A 401 -15.28 3.06 -4.57
C VAL A 401 -15.01 2.20 -5.79
N VAL A 402 -13.75 1.79 -5.97
CA VAL A 402 -13.41 0.95 -7.10
C VAL A 402 -14.12 -0.40 -7.03
N MET A 403 -13.97 -1.09 -5.90
CA MET A 403 -14.51 -2.42 -5.77
C MET A 403 -16.03 -2.40 -5.91
N ALA A 404 -16.68 -1.41 -5.31
CA ALA A 404 -18.12 -1.26 -5.46
C ALA A 404 -18.54 -1.21 -6.93
N LYS A 405 -17.86 -0.38 -7.71
CA LYS A 405 -18.18 -0.26 -9.14
C LYS A 405 -17.93 -1.53 -9.96
N LEU A 406 -16.84 -2.23 -9.67
CA LEU A 406 -16.57 -3.48 -10.36
C LEU A 406 -17.72 -4.44 -10.10
N LEU A 407 -18.12 -4.51 -8.85
CA LEU A 407 -19.15 -5.45 -8.42
C LEU A 407 -20.49 -5.13 -9.03
N GLN A 408 -20.82 -3.85 -9.14
CA GLN A 408 -22.04 -3.43 -9.82
C GLN A 408 -22.14 -3.92 -11.25
N ARG A 409 -21.04 -3.80 -12.01
CA ARG A 409 -21.11 -3.96 -13.49
C ARG A 409 -20.39 -5.12 -14.16
N LEU A 410 -19.40 -5.72 -13.49
CA LEU A 410 -18.59 -6.75 -14.14
C LEU A 410 -18.43 -8.08 -13.39
N GLU A 411 -18.15 -9.12 -14.16
CA GLU A 411 -17.75 -10.42 -13.62
C GLU A 411 -16.42 -10.82 -14.22
N PHE A 412 -15.57 -11.42 -13.39
CA PHE A 412 -14.19 -11.72 -13.76
C PHE A 412 -13.94 -13.21 -13.69
N ARG A 413 -13.10 -13.70 -14.59
CA ARG A 413 -12.69 -15.08 -14.55
C ARG A 413 -11.21 -15.09 -14.82
N LEU A 414 -10.47 -15.68 -13.89
CA LEU A 414 -9.01 -15.68 -13.95
C LEU A 414 -8.58 -16.58 -15.10
N VAL A 415 -7.61 -16.11 -15.87
CA VAL A 415 -7.11 -16.88 -17.00
C VAL A 415 -6.36 -18.13 -16.51
N PRO A 416 -6.73 -19.32 -17.01
CA PRO A 416 -6.04 -20.57 -16.64
C PRO A 416 -4.52 -20.40 -16.76
N GLY A 417 -3.78 -20.91 -15.77
CA GLY A 417 -2.32 -20.71 -15.70
C GLY A 417 -1.85 -19.51 -14.87
N GLN A 418 -2.79 -18.65 -14.47
CA GLN A 418 -2.48 -17.59 -13.54
C GLN A 418 -2.36 -18.19 -12.15
N ARG A 419 -1.31 -17.80 -11.43
CA ARG A 419 -1.06 -18.33 -10.09
C ARG A 419 -1.57 -17.41 -8.96
N PHE A 420 -1.82 -18.02 -7.80
CA PHE A 420 -2.33 -17.29 -6.66
C PHE A 420 -1.22 -16.78 -5.74
N GLY A 421 0.04 -16.97 -6.13
CA GLY A 421 1.18 -16.65 -5.25
C GLY A 421 1.71 -15.22 -5.22
N LEU A 422 2.66 -14.98 -4.31
CA LEU A 422 3.10 -13.64 -4.01
C LEU A 422 4.52 -13.37 -4.49
N GLN A 423 4.82 -12.09 -4.70
CA GLN A 423 6.19 -11.64 -4.83
C GLN A 423 6.37 -10.46 -3.88
N GLU A 424 7.62 -10.08 -3.66
CA GLU A 424 7.88 -8.95 -2.81
C GLU A 424 8.73 -7.97 -3.57
N GLN A 425 8.21 -6.75 -3.75
CA GLN A 425 9.01 -5.63 -4.21
C GLN A 425 9.29 -4.63 -3.06
N ALA A 426 8.83 -3.40 -3.21
CA ALA A 426 8.66 -2.51 -2.05
C ALA A 426 7.61 -3.12 -1.08
N THR A 427 6.70 -3.92 -1.63
CA THR A 427 5.55 -4.39 -0.91
C THR A 427 5.20 -5.78 -1.47
N LEU A 428 4.26 -6.46 -0.82
CA LEU A 428 3.78 -7.70 -1.33
C LEU A 428 2.67 -7.44 -2.36
N LYS A 429 2.69 -8.23 -3.42
CA LYS A 429 1.73 -8.10 -4.50
C LYS A 429 1.64 -9.44 -5.18
N PRO A 430 0.64 -9.62 -6.04
CA PRO A 430 0.52 -10.91 -6.72
C PRO A 430 1.69 -11.14 -7.64
N LEU A 431 2.17 -12.38 -7.63
CA LEU A 431 3.25 -12.83 -8.50
C LEU A 431 2.86 -12.70 -9.99
N ASP A 432 1.72 -13.28 -10.36
CA ASP A 432 1.21 -13.11 -11.73
C ASP A 432 0.43 -11.80 -11.80
N PRO A 433 0.28 -11.23 -13.00
CA PRO A 433 -0.56 -10.04 -13.10
C PRO A 433 -1.83 -10.70 -12.69
N VAL A 434 -2.97 -10.08 -12.85
CA VAL A 434 -4.14 -10.85 -12.48
C VAL A 434 -4.93 -10.93 -13.76
N LEU A 435 -4.43 -11.77 -14.67
CA LEU A 435 -4.96 -11.85 -16.03
C LEU A 435 -6.35 -12.40 -15.95
N CYS A 436 -7.31 -11.67 -16.51
CA CYS A 436 -8.73 -12.09 -16.52
C CYS A 436 -9.45 -11.81 -17.84
N THR A 437 -10.52 -12.57 -18.06
CA THR A 437 -11.52 -12.21 -19.06
C THR A 437 -12.71 -11.70 -18.27
N LEU A 438 -13.50 -10.85 -18.92
CA LEU A 438 -14.60 -10.18 -18.27
C LEU A 438 -15.87 -10.32 -19.09
N ARG A 439 -17.01 -10.37 -18.40
CA ARG A 439 -18.32 -10.27 -19.04
C ARG A 439 -19.08 -9.20 -18.25
N PRO A 440 -20.21 -8.70 -18.77
CA PRO A 440 -21.05 -7.79 -18.03
C PRO A 440 -21.84 -8.59 -17.01
N ARG A 441 -22.14 -8.00 -15.86
CA ARG A 441 -22.84 -8.73 -14.82
C ARG A 441 -24.14 -9.23 -15.45
N GLY A 442 -24.48 -10.49 -15.17
CA GLY A 442 -25.62 -11.15 -15.82
C GLY A 442 -25.26 -11.94 -17.08
N TRP A 443 -24.06 -12.52 -17.11
CA TRP A 443 -23.60 -13.38 -18.22
C TRP A 443 -22.45 -14.29 -17.76
CHA HEM B . 2.45 4.30 6.42
CHB HEM B . -0.26 0.43 4.99
CHC HEM B . -2.26 3.25 1.53
CHD HEM B . 0.65 6.99 3.05
C1A HEM B . 1.87 2.93 6.30
C2A HEM B . 2.34 1.74 7.12
C3A HEM B . 1.55 0.76 6.72
C4A HEM B . 0.67 1.20 5.58
CMA HEM B . 1.68 -0.69 7.16
CAA HEM B . 3.83 1.45 7.23
CBA HEM B . 4.41 2.05 8.47
CGA HEM B . 5.82 1.52 8.70
O1A HEM B . 6.74 1.45 7.87
O2A HEM B . 6.04 1.13 9.93
C1B HEM B . -0.98 0.85 3.74
C2B HEM B . -1.88 0.06 3.13
C3B HEM B . -2.56 0.87 2.07
C4B HEM B . -1.84 2.17 2.20
CMB HEM B . -2.07 -1.43 3.37
CAB HEM B . -3.28 0.48 1.05
CBB HEM B . -4.55 -0.34 1.22
C1C HEM B . -1.84 4.63 1.83
C2C HEM B . -2.04 5.61 0.94
C3C HEM B . -1.13 6.71 1.38
C4C HEM B . -0.27 6.14 2.24
CMC HEM B . -3.27 5.87 0.08
CAC HEM B . -1.15 8.15 0.89
CBC HEM B . -2.24 8.81 0.50
C1D HEM B . 1.53 6.47 3.88
C2D HEM B . 2.55 7.28 4.59
C3D HEM B . 2.79 6.65 5.72
C4D HEM B . 2.18 5.30 5.59
CMD HEM B . 2.90 8.73 4.35
CAD HEM B . 3.78 7.10 6.79
CBD HEM B . 2.95 7.71 7.92
CGD HEM B . 3.81 8.19 9.06
O1D HEM B . 3.47 9.21 9.67
O2D HEM B . 4.89 7.49 9.42
NA HEM B . 0.97 2.48 5.30
NB HEM B . -1.08 2.11 3.31
NC HEM B . -0.69 4.88 2.50
ND HEM B . 1.40 5.29 4.50
FE HEM B . 0.08 3.82 4.07
CAA X2N C . 25.50 -8.47 0.65
CAB X2N C . 27.00 -5.96 3.03
OAC X2N C . 21.93 -7.72 2.20
OAD X2N C . 27.20 -8.30 3.64
FAE X2N C . 5.34 1.13 -0.65
FAF X2N C . 6.96 5.39 -1.23
CAG X2N C . 6.13 3.22 -0.93
CAH X2N C . 11.78 -0.84 4.93
CAI X2N C . 10.63 -2.68 3.89
CAJ X2N C . 12.93 -1.63 4.96
CAK X2N C . 11.78 -3.44 3.94
CAL X2N C . 18.22 -6.44 3.54
CAM X2N C . 18.72 -4.60 4.99
CAN X2N C . 19.58 -6.77 3.51
CAO X2N C . 20.06 -4.96 4.94
CAP X2N C . 6.64 4.40 -0.40
CAQ X2N C . 1.67 3.14 1.65
CAR X2N C . 5.94 2.27 1.33
CAS X2N C . 2.51 2.31 3.44
CAT X2N C . 22.76 -5.83 5.04
CAU X2N C . 25.02 -7.48 1.39
CAV X2N C . 6.50 -0.06 2.01
CAW X2N C . 15.32 -2.94 4.78
CAX X2N C . 14.14 -4.82 3.60
CAY X2N C . 16.45 -3.55 3.95
CAZ X2N C . 15.37 -5.72 3.80
CBB X2N C . 8.43 -1.03 3.43
CBC X2N C . 4.11 0.67 2.22
NBD X2N C . 1.60 3.21 2.98
NBE X2N C . 2.61 2.24 1.29
NBF X2N C . 23.97 -6.31 4.63
OBG X2N C . 9.51 -0.66 4.33
OBH X2N C . 5.86 1.48 3.63
CBI X2N C . 5.81 2.21 -0.04
CBJ X2N C . 6.44 3.48 1.83
CBK X2N C . 10.62 -1.37 4.39
CBL X2N C . 12.96 -2.93 4.48
CBM X2N C . 17.76 -5.34 4.27
CBN X2N C . 20.53 -6.06 4.22
CBO X2N C . 6.78 4.52 1.00
CBP X2N C . 22.49 -7.07 3.23
CBQ X2N C . 26.29 -7.20 3.63
CBS X2N C . 25.01 -7.65 2.90
NBT X2N C . 14.07 -3.66 4.52
NBU X2N C . 16.48 -4.94 4.36
NBV X2N C . 3.11 1.71 2.40
NBW X2N C . 21.85 -6.34 4.17
NBX X2N C . 23.82 -7.05 3.52
C2 X2N C . 5.57 1.14 2.26
C32 X2N C . 7.06 0.85 4.08
C7 X2N C . 7.71 0.18 2.87
C1 GOL D . -9.21 20.83 1.69
O1 GOL D . -8.57 19.62 1.32
C2 GOL D . -10.50 20.61 2.49
O2 GOL D . -11.63 20.80 1.67
C3 GOL D . -10.58 21.57 3.68
O3 GOL D . -10.88 20.87 4.86
#